data_7Q2L
#
_entry.id   7Q2L
#
_cell.length_a   50.350
_cell.length_b   68.795
_cell.length_c   118.299
_cell.angle_alpha   90.000
_cell.angle_beta   90.000
_cell.angle_gamma   90.000
#
_symmetry.space_group_name_H-M   'I 2 2 2'
#
loop_
_entity.id
_entity.type
_entity.pdbx_description
1 polymer 'Cholinephosphate cytidylyltransferase'
2 non-polymer (3R)-3-aminopyrrolidin-2-one
3 water water
#
_entity_poly.entity_id   1
_entity_poly.type   'polypeptide(L)'
_entity_poly.pdbx_seq_one_letter_code
;GHMAVPDDDDDDDNSNDESEYESSQMDSEKNKGSIKNSKNVVIYADGVYDMLHLGHMKQLEQAKKLFENTTLIVGVTSDN
ETKLFKGQVVQTLEERTETLKHIRWVDEIISPCPWVVTPEFLEKYKIDYVAHDDIPYANNQKEDIYAWLKRAGKFKATQR
TEGVSTTDLIVRILKNYEDY
;
_entity_poly.pdbx_strand_id   A
#
loop_
_chem_comp.id
_chem_comp.type
_chem_comp.name
_chem_comp.formula
8QR non-polymer (3R)-3-aminopyrrolidin-2-one 'C4 H8 N2 O'
#
# COMPACT_ATOMS: atom_id res chain seq x y z
N SER A 38 -5.03 -6.02 -24.51
CA SER A 38 -4.16 -4.91 -24.11
C SER A 38 -2.98 -5.39 -23.25
N LYS A 39 -1.90 -4.62 -23.25
CA LYS A 39 -0.66 -5.00 -22.59
C LYS A 39 -0.77 -4.86 -21.07
N ASN A 40 0.00 -5.69 -20.36
CA ASN A 40 -0.04 -5.69 -18.91
C ASN A 40 0.65 -4.46 -18.32
N VAL A 41 -0.04 -3.78 -17.40
CA VAL A 41 0.46 -2.57 -16.75
C VAL A 41 0.89 -2.94 -15.33
N VAL A 42 2.11 -2.56 -14.95
CA VAL A 42 2.65 -2.91 -13.65
C VAL A 42 2.38 -1.76 -12.67
N ILE A 43 1.61 -2.04 -11.63
CA ILE A 43 1.23 -1.05 -10.62
C ILE A 43 2.00 -1.35 -9.33
N TYR A 44 2.51 -0.30 -8.68
CA TYR A 44 3.20 -0.42 -7.42
C TYR A 44 2.46 0.37 -6.34
N ALA A 45 2.12 -0.28 -5.24
CA ALA A 45 1.42 0.37 -4.13
C ALA A 45 2.15 0.04 -2.83
N ASP A 46 2.76 1.04 -2.21
CA ASP A 46 3.47 0.75 -0.96
C ASP A 46 2.69 1.29 0.21
N GLY A 47 3.02 0.81 1.40
CA GLY A 47 2.34 1.25 2.60
C GLY A 47 2.82 0.45 3.78
N VAL A 48 2.26 0.80 4.94
CA VAL A 48 2.57 0.03 6.14
C VAL A 48 1.67 -1.21 6.23
N TYR A 49 0.41 -1.06 5.82
CA TYR A 49 -0.56 -2.14 5.91
C TYR A 49 -0.59 -2.77 7.31
N ASP A 50 -0.61 -1.91 8.33
CA ASP A 50 -0.75 -2.39 9.71
C ASP A 50 -2.22 -2.69 9.99
N MET A 51 -2.48 -3.83 10.64
CA MET A 51 -3.85 -4.28 10.94
C MET A 51 -4.77 -4.03 9.75
N LEU A 52 -4.49 -4.73 8.66
CA LEU A 52 -5.21 -4.54 7.40
C LEU A 52 -6.72 -4.53 7.61
N HIS A 53 -7.38 -3.47 7.15
CA HIS A 53 -8.84 -3.33 7.22
C HIS A 53 -9.42 -3.08 5.81
N LEU A 54 -10.75 -2.99 5.77
CA LEU A 54 -11.47 -2.81 4.53
C LEU A 54 -11.01 -1.59 3.74
N GLY A 55 -10.57 -0.54 4.45
CA GLY A 55 -10.05 0.63 3.76
C GLY A 55 -8.80 0.33 2.95
N HIS A 56 -7.86 -0.43 3.53
CA HIS A 56 -6.70 -0.90 2.76
C HIS A 56 -7.14 -1.73 1.58
N MET A 57 -8.05 -2.68 1.83
CA MET A 57 -8.49 -3.61 0.79
C MET A 57 -9.13 -2.88 -0.37
N LYS A 58 -9.96 -1.88 -0.08
CA LYS A 58 -10.59 -1.12 -1.16
C LYS A 58 -9.54 -0.37 -1.97
N GLN A 59 -8.55 0.20 -1.28
CA GLN A 59 -7.46 0.90 -1.95
C GLN A 59 -6.67 -0.04 -2.87
N LEU A 60 -6.36 -1.25 -2.38
CA LEU A 60 -5.67 -2.22 -3.22
C LEU A 60 -6.52 -2.63 -4.42
N GLU A 61 -7.82 -2.87 -4.20
CA GLU A 61 -8.71 -3.17 -5.32
C GLU A 61 -8.66 -2.05 -6.35
N GLN A 62 -8.66 -0.80 -5.89
CA GLN A 62 -8.65 0.33 -6.80
C GLN A 62 -7.38 0.33 -7.65
N ALA A 63 -6.23 0.18 -6.99
CA ALA A 63 -4.98 0.10 -7.72
C ALA A 63 -5.00 -1.05 -8.73
N LYS A 64 -5.44 -2.24 -8.28
CA LYS A 64 -5.45 -3.41 -9.17
C LYS A 64 -6.28 -3.16 -10.43
N LYS A 65 -7.37 -2.40 -10.30
CA LYS A 65 -8.34 -2.21 -11.37
C LYS A 65 -8.11 -0.91 -12.15
N LEU A 66 -6.96 -0.27 -11.95
CA LEU A 66 -6.66 0.95 -12.69
C LEU A 66 -6.68 0.74 -14.20
N PHE A 67 -6.18 -0.41 -14.66
CA PHE A 67 -6.23 -0.78 -16.06
C PHE A 67 -6.80 -2.19 -16.19
N GLU A 68 -7.14 -2.54 -17.43
CA GLU A 68 -7.80 -3.82 -17.66
C GLU A 68 -6.89 -4.98 -17.28
N ASN A 69 -5.60 -4.90 -17.63
CA ASN A 69 -4.63 -5.97 -17.40
C ASN A 69 -3.50 -5.37 -16.58
N THR A 70 -3.41 -5.75 -15.30
CA THR A 70 -2.39 -5.21 -14.40
C THR A 70 -1.68 -6.33 -13.64
N THR A 71 -0.47 -6.01 -13.20
CA THR A 71 0.20 -6.72 -12.11
C THR A 71 0.35 -5.74 -10.95
N LEU A 72 -0.31 -6.03 -9.82
CA LEU A 72 -0.22 -5.16 -8.66
C LEU A 72 0.91 -5.66 -7.76
N ILE A 73 1.96 -4.86 -7.64
CA ILE A 73 3.04 -5.11 -6.69
C ILE A 73 2.78 -4.25 -5.47
N VAL A 74 2.84 -4.86 -4.29
CA VAL A 74 2.63 -4.17 -3.03
C VAL A 74 3.94 -4.14 -2.27
N GLY A 75 4.33 -2.96 -1.79
CA GLY A 75 5.50 -2.79 -0.95
C GLY A 75 5.08 -2.60 0.48
N VAL A 76 5.73 -3.36 1.38
CA VAL A 76 5.42 -3.35 2.81
C VAL A 76 6.61 -2.76 3.55
N THR A 77 6.38 -1.64 4.25
CA THR A 77 7.51 -0.92 4.84
C THR A 77 8.04 -1.67 6.06
N SER A 78 9.35 -1.54 6.28
CA SER A 78 10.05 -2.20 7.38
C SER A 78 9.61 -1.66 8.74
N ASP A 79 9.81 -2.48 9.78
CA ASP A 79 9.44 -2.09 11.13
C ASP A 79 10.24 -0.86 11.60
N ASN A 80 11.56 -0.89 11.39
CA ASN A 80 12.42 0.19 11.88
CA ASN A 80 12.42 0.18 11.87
C ASN A 80 12.04 1.52 11.26
N GLU A 81 11.94 1.59 9.92
CA GLU A 81 11.68 2.87 9.28
C GLU A 81 10.29 3.38 9.59
N THR A 82 9.29 2.49 9.60
CA THR A 82 7.96 2.90 10.01
C THR A 82 7.97 3.51 11.40
N LYS A 83 8.54 2.79 12.37
CA LYS A 83 8.64 3.33 13.74
C LYS A 83 9.35 4.68 13.74
N LEU A 84 10.44 4.77 12.99
CA LEU A 84 11.27 5.98 13.03
C LEU A 84 10.57 7.15 12.32
N PHE A 85 10.04 6.93 11.11
CA PHE A 85 9.43 7.99 10.31
C PHE A 85 7.96 8.26 10.60
N LYS A 86 7.19 7.28 11.06
CA LYS A 86 5.73 7.42 11.10
C LYS A 86 5.14 7.21 12.48
N GLY A 87 5.48 6.13 13.15
CA GLY A 87 4.91 5.89 14.45
C GLY A 87 4.94 4.40 14.78
N GLN A 88 4.34 4.09 15.92
CA GLN A 88 4.32 2.72 16.40
C GLN A 88 3.52 1.84 15.45
N VAL A 89 4.02 0.63 15.22
CA VAL A 89 3.34 -0.38 14.42
C VAL A 89 3.00 -1.53 15.34
N VAL A 90 1.78 -2.06 15.22
CA VAL A 90 1.43 -3.13 16.13
C VAL A 90 1.83 -4.49 15.57
N GLN A 91 1.79 -4.68 14.25
CA GLN A 91 2.16 -5.95 13.64
C GLN A 91 3.56 -5.87 13.04
N THR A 92 4.31 -6.95 13.18
CA THR A 92 5.63 -7.06 12.58
C THR A 92 5.53 -7.09 11.06
N LEU A 93 6.68 -6.90 10.41
CA LEU A 93 6.74 -7.00 8.95
C LEU A 93 6.23 -8.36 8.48
N GLU A 94 6.66 -9.43 9.15
CA GLU A 94 6.18 -10.78 8.80
C GLU A 94 4.67 -10.88 8.88
N GLU A 95 4.08 -10.42 9.98
CA GLU A 95 2.64 -10.48 10.13
C GLU A 95 1.93 -9.62 9.08
N ARG A 96 2.43 -8.41 8.85
CA ARG A 96 1.78 -7.55 7.87
C ARG A 96 1.87 -8.14 6.47
N THR A 97 2.98 -8.79 6.17
CA THR A 97 3.19 -9.36 4.85
C THR A 97 2.34 -10.62 4.65
N GLU A 98 2.32 -11.52 5.63
CA GLU A 98 1.52 -12.72 5.50
C GLU A 98 0.04 -12.40 5.28
N THR A 99 -0.48 -11.40 5.99
CA THR A 99 -1.87 -11.02 5.79
C THR A 99 -2.14 -10.57 4.35
N LEU A 100 -1.27 -9.71 3.81
CA LEU A 100 -1.45 -9.20 2.46
C LEU A 100 -1.46 -10.32 1.42
N LYS A 101 -0.73 -11.40 1.67
CA LYS A 101 -0.72 -12.53 0.76
C LYS A 101 -2.13 -13.08 0.54
N HIS A 102 -3.04 -12.96 1.51
CA HIS A 102 -4.38 -13.52 1.33
C HIS A 102 -5.33 -12.60 0.57
N ILE A 103 -4.87 -11.44 0.09
CA ILE A 103 -5.77 -10.47 -0.53
C ILE A 103 -5.81 -10.73 -2.02
N ARG A 104 -7.02 -10.77 -2.58
CA ARG A 104 -7.24 -11.12 -3.99
C ARG A 104 -6.45 -10.24 -4.95
N TRP A 105 -6.40 -8.93 -4.68
CA TRP A 105 -5.85 -7.97 -5.63
C TRP A 105 -4.33 -8.01 -5.71
N VAL A 106 -3.68 -8.60 -4.71
CA VAL A 106 -2.23 -8.56 -4.58
C VAL A 106 -1.62 -9.62 -5.49
N ASP A 107 -0.80 -9.19 -6.44
CA ASP A 107 -0.09 -10.10 -7.34
C ASP A 107 1.32 -10.43 -6.85
N GLU A 108 2.04 -9.43 -6.34
CA GLU A 108 3.41 -9.60 -5.89
C GLU A 108 3.64 -8.70 -4.69
N ILE A 109 4.53 -9.13 -3.80
CA ILE A 109 4.86 -8.34 -2.63
C ILE A 109 6.37 -8.09 -2.60
N ILE A 110 6.77 -6.85 -2.35
CA ILE A 110 8.14 -6.49 -1.99
C ILE A 110 8.16 -6.14 -0.51
N SER A 111 8.82 -6.98 0.28
CA SER A 111 8.79 -6.91 1.73
C SER A 111 10.15 -7.30 2.30
N PRO A 112 10.87 -6.38 2.96
CA PRO A 112 10.47 -4.98 3.10
C PRO A 112 10.71 -4.21 1.81
N CYS A 113 9.99 -3.12 1.63
CA CYS A 113 10.17 -2.22 0.50
C CYS A 113 10.92 -0.97 0.97
N PRO A 114 11.55 -0.25 0.04
CA PRO A 114 12.19 1.01 0.43
C PRO A 114 11.16 1.98 1.00
N TRP A 115 11.65 2.87 1.87
CA TRP A 115 10.77 3.90 2.42
C TRP A 115 10.41 4.95 1.38
N VAL A 116 11.35 5.32 0.50
CA VAL A 116 11.10 6.29 -0.56
C VAL A 116 11.28 5.63 -1.92
N VAL A 117 10.28 5.81 -2.79
CA VAL A 117 10.36 5.39 -4.19
C VAL A 117 11.36 6.27 -4.94
N THR A 118 12.23 5.65 -5.72
CA THR A 118 13.23 6.31 -6.55
C THR A 118 13.00 5.94 -8.01
N PRO A 119 13.54 6.74 -8.95
CA PRO A 119 13.45 6.36 -10.37
C PRO A 119 14.12 5.02 -10.64
N GLU A 120 15.25 4.74 -9.98
CA GLU A 120 15.92 3.46 -10.14
C GLU A 120 15.01 2.30 -9.72
N PHE A 121 14.27 2.47 -8.62
CA PHE A 121 13.34 1.43 -8.18
C PHE A 121 12.32 1.12 -9.28
N LEU A 122 11.73 2.16 -9.87
CA LEU A 122 10.79 1.95 -10.97
C LEU A 122 11.41 1.15 -12.10
N GLU A 123 12.64 1.48 -12.50
CA GLU A 123 13.26 0.75 -13.59
C GLU A 123 13.60 -0.67 -13.18
N LYS A 124 14.08 -0.86 -11.95
CA LYS A 124 14.44 -2.20 -11.50
C LYS A 124 13.27 -3.17 -11.58
N TYR A 125 12.06 -2.75 -11.18
CA TYR A 125 10.91 -3.65 -11.17
C TYR A 125 9.96 -3.39 -12.32
N LYS A 126 10.34 -2.55 -13.29
CA LYS A 126 9.54 -2.24 -14.46
C LYS A 126 8.16 -1.74 -14.05
N ILE A 127 8.14 -0.80 -13.12
CA ILE A 127 6.89 -0.22 -12.65
C ILE A 127 6.41 0.86 -13.62
N ASP A 128 5.14 0.78 -14.02
CA ASP A 128 4.54 1.79 -14.88
C ASP A 128 3.88 2.91 -14.10
N TYR A 129 3.20 2.59 -12.99
CA TYR A 129 2.54 3.60 -12.18
C TYR A 129 2.67 3.26 -10.70
N VAL A 130 2.77 4.32 -9.89
CA VAL A 130 2.74 4.22 -8.44
C VAL A 130 1.34 4.66 -8.01
N ALA A 131 0.65 3.80 -7.25
CA ALA A 131 -0.72 4.03 -6.80
C ALA A 131 -0.67 4.31 -5.30
N HIS A 132 -1.14 5.49 -4.90
CA HIS A 132 -1.02 5.91 -3.50
C HIS A 132 -2.07 6.96 -3.20
N ASP A 133 -2.49 7.00 -1.93
CA ASP A 133 -3.33 8.08 -1.45
C ASP A 133 -2.56 9.40 -1.48
N ASP A 134 -3.30 10.49 -1.63
CA ASP A 134 -2.71 11.81 -1.82
C ASP A 134 -3.28 12.83 -0.83
N ASP A 144 4.77 18.20 -3.46
CA ASP A 144 4.74 17.07 -2.53
C ASP A 144 5.80 16.05 -2.90
N ILE A 145 5.87 14.96 -2.13
CA ILE A 145 6.87 13.93 -2.40
C ILE A 145 6.57 13.11 -3.65
N TYR A 146 5.35 13.24 -4.22
CA TYR A 146 4.98 12.56 -5.44
C TYR A 146 4.99 13.47 -6.67
N ALA A 147 5.34 14.75 -6.48
CA ALA A 147 5.45 15.68 -7.59
C ALA A 147 6.25 15.11 -8.75
N TRP A 148 7.40 14.47 -8.46
CA TRP A 148 8.20 13.92 -9.54
C TRP A 148 7.49 12.78 -10.27
N LEU A 149 6.66 12.00 -9.54
CA LEU A 149 5.89 10.97 -10.21
C LEU A 149 4.81 11.57 -11.09
N LYS A 150 4.08 12.57 -10.57
CA LYS A 150 3.01 13.18 -11.34
C LYS A 150 3.55 13.86 -12.58
N ARG A 151 4.75 14.47 -12.46
CA ARG A 151 5.41 15.13 -13.59
C ARG A 151 5.71 14.12 -14.69
N ALA A 152 6.05 12.89 -14.32
CA ALA A 152 6.37 11.86 -15.29
C ALA A 152 5.14 11.09 -15.76
N GLY A 153 3.95 11.42 -15.26
CA GLY A 153 2.77 10.66 -15.60
C GLY A 153 2.69 9.29 -14.96
N LYS A 154 3.41 9.08 -13.87
CA LYS A 154 3.51 7.76 -13.26
C LYS A 154 2.82 7.68 -11.90
N PHE A 155 1.95 8.62 -11.58
CA PHE A 155 1.23 8.61 -10.31
C PHE A 155 -0.25 8.42 -10.52
N LYS A 156 -0.85 7.46 -9.80
CA LYS A 156 -2.29 7.24 -9.82
C LYS A 156 -2.81 7.35 -8.39
N ALA A 157 -3.69 8.32 -8.15
CA ALA A 157 -4.23 8.50 -6.81
C ALA A 157 -5.28 7.45 -6.51
N THR A 158 -5.18 6.84 -5.34
CA THR A 158 -6.22 5.99 -4.78
C THR A 158 -6.69 6.62 -3.47
N GLN A 159 -7.90 6.26 -3.04
CA GLN A 159 -8.57 6.91 -1.92
C GLN A 159 -8.72 5.99 -0.72
N ARG A 160 -8.87 6.61 0.45
CA ARG A 160 -9.13 5.88 1.68
C ARG A 160 -10.62 5.75 1.94
N THR A 161 -10.95 4.84 2.87
CA THR A 161 -12.28 4.71 3.42
C THR A 161 -12.18 4.99 4.91
N GLU A 162 -12.94 5.98 5.37
CA GLU A 162 -12.95 6.34 6.78
C GLU A 162 -13.77 5.35 7.59
N GLY A 163 -13.60 5.41 8.92
CA GLY A 163 -14.45 4.69 9.85
C GLY A 163 -14.38 3.18 9.85
N VAL A 164 -13.82 2.59 8.79
CA VAL A 164 -13.76 1.15 8.68
C VAL A 164 -12.60 0.53 9.45
N SER A 165 -11.71 1.34 10.01
CA SER A 165 -10.41 0.85 10.46
C SER A 165 -10.54 -0.02 11.71
N THR A 166 -9.45 -0.75 11.99
CA THR A 166 -9.44 -1.71 13.09
C THR A 166 -9.60 -1.01 14.43
N THR A 167 -8.92 0.12 14.61
CA THR A 167 -9.05 0.86 15.86
C THR A 167 -10.47 1.35 16.09
N ASP A 168 -11.20 1.69 15.02
CA ASP A 168 -12.58 2.14 15.16
C ASP A 168 -13.50 1.02 15.60
N LEU A 169 -13.14 -0.22 15.28
CA LEU A 169 -13.98 -1.35 15.67
C LEU A 169 -13.88 -1.64 17.17
N ILE A 170 -12.75 -1.28 17.79
CA ILE A 170 -12.69 -1.39 19.24
C ILE A 170 -13.48 -0.27 19.87
N VAL A 171 -13.41 0.93 19.29
CA VAL A 171 -14.21 2.05 19.79
C VAL A 171 -15.69 1.67 19.80
N ARG A 172 -16.07 0.73 18.92
CA ARG A 172 -17.40 0.11 18.91
C ARG A 172 -17.68 -0.65 20.19
N ILE A 173 -17.20 -1.90 20.27
CA ILE A 173 -17.31 -2.75 21.46
C ILE A 173 -17.13 -1.98 22.76
N LEU A 174 -16.44 -0.85 22.70
CA LEU A 174 -16.29 0.02 23.87
C LEU A 174 -17.43 1.03 24.00
N LYS A 175 -18.48 0.90 23.18
CA LYS A 175 -19.76 1.53 23.46
C LYS A 175 -20.82 0.45 23.68
N ASN A 176 -20.40 -0.68 24.23
CA ASN A 176 -21.24 -1.63 24.93
C ASN A 176 -21.32 -1.33 26.42
N TYR A 177 -20.64 -0.26 26.86
CA TYR A 177 -20.60 0.14 28.26
C TYR A 177 -20.67 1.67 28.40
C02 8QR B . 5.93 5.03 3.20
C04 8QR B . 3.63 4.42 3.32
C05 8QR B . 4.09 4.42 1.83
C06 8QR B . 5.61 4.27 1.92
N03 8QR B . 4.75 5.07 3.97
N07 8QR B . 6.35 4.84 0.83
O01 8QR B . 6.96 5.52 3.56
#